data_9KAR
#
_entry.id   9KAR
#
_entity_poly.entity_id   1
_entity_poly.type   'polypeptide(L)'
_entity_poly.pdbx_seq_one_letter_code
;GGWGTVPDWFFNMNW
;
_entity_poly.pdbx_strand_id   A
#
# COMPACT_ATOMS: atom_id res chain seq x y z
N GLY A 1 1.94 1.31 0.12
CA GLY A 1 2.79 1.82 -1.05
C GLY A 1 2.26 1.77 -2.43
N GLY A 2 1.04 1.35 -2.58
CA GLY A 2 0.44 1.28 -3.93
C GLY A 2 -1.08 1.24 -3.83
N TRP A 3 -1.63 1.85 -2.81
CA TRP A 3 -3.10 1.87 -2.64
C TRP A 3 -3.66 0.44 -2.83
N GLY A 4 -3.54 -0.39 -1.83
CA GLY A 4 -4.07 -1.78 -1.94
C GLY A 4 -4.73 -2.17 -0.62
N THR A 5 -3.95 -2.59 0.35
CA THR A 5 -4.57 -2.99 1.66
C THR A 5 -3.54 -2.85 2.79
N VAL A 6 -2.65 -3.79 2.90
CA VAL A 6 -1.63 -3.77 3.98
C VAL A 6 -0.86 -2.44 3.93
N PRO A 7 -0.58 -1.82 5.07
CA PRO A 7 0.16 -0.52 5.10
C PRO A 7 1.52 -0.61 4.39
N ASP A 8 2.09 0.52 4.09
CA ASP A 8 3.41 0.53 3.41
C ASP A 8 4.05 1.90 3.57
N TRP A 9 4.98 2.23 2.72
CA TRP A 9 5.65 3.57 2.80
C TRP A 9 4.68 4.68 2.39
N PHE A 10 4.05 4.56 1.24
CA PHE A 10 3.10 5.63 0.77
C PHE A 10 1.78 5.51 1.54
N PHE A 11 1.05 4.46 1.29
CA PHE A 11 -0.26 4.28 1.99
C PHE A 11 -0.52 2.78 2.20
N ASN A 12 -0.81 2.07 1.16
CA ASN A 12 -1.07 0.62 1.29
C ASN A 12 -0.44 -0.13 0.12
N MET A 13 0.28 -1.18 0.38
CA MET A 13 0.93 -1.95 -0.73
C MET A 13 -0.15 -2.42 -1.70
N ASN A 14 0.06 -2.23 -2.98
CA ASN A 14 -0.98 -2.65 -3.96
C ASN A 14 -1.40 -4.09 -3.69
N TRP A 15 -0.48 -4.94 -3.34
CA TRP A 15 -0.85 -6.36 -3.07
C TRP A 15 -1.40 -6.47 -1.65
N GLY A 1 1.74 1.30 -0.04
CA GLY A 1 2.52 1.86 -1.22
C GLY A 1 1.93 1.80 -2.59
N GLY A 2 0.67 1.43 -2.68
CA GLY A 2 0.02 1.34 -4.01
C GLY A 2 -1.50 1.32 -3.83
N TRP A 3 -1.98 1.95 -2.79
CA TRP A 3 -3.46 1.96 -2.56
C TRP A 3 -4.03 0.55 -2.75
N GLY A 4 -3.85 -0.31 -1.78
CA GLY A 4 -4.38 -1.70 -1.92
C GLY A 4 -4.98 -2.17 -0.60
N THR A 5 -4.18 -2.63 0.32
CA THR A 5 -4.76 -3.12 1.60
C THR A 5 -3.76 -3.03 2.76
N VAL A 6 -2.72 -3.81 2.73
CA VAL A 6 -1.72 -3.79 3.84
C VAL A 6 -0.96 -2.46 3.86
N PRO A 7 -0.71 -1.88 5.03
CA PRO A 7 0.05 -0.58 5.14
C PRO A 7 1.42 -0.65 4.47
N ASP A 8 1.88 0.45 3.94
CA ASP A 8 3.20 0.46 3.27
C ASP A 8 3.89 1.80 3.47
N TRP A 9 4.76 2.18 2.58
CA TRP A 9 5.47 3.48 2.71
C TRP A 9 4.54 4.63 2.31
N PHE A 10 3.90 4.53 1.18
CA PHE A 10 2.99 5.64 0.74
C PHE A 10 1.67 5.54 1.51
N PHE A 11 0.99 4.42 1.36
CA PHE A 11 -0.30 4.22 2.09
C PHE A 11 -0.53 2.73 2.25
N ASN A 12 -0.96 2.06 1.21
CA ASN A 12 -1.20 0.60 1.30
C ASN A 12 -0.64 -0.09 0.06
N MET A 13 0.14 -1.13 0.23
CA MET A 13 0.70 -1.83 -0.96
C MET A 13 -0.45 -2.24 -1.87
N ASN A 14 -0.24 -2.19 -3.16
CA ASN A 14 -1.33 -2.58 -4.10
C ASN A 14 -1.75 -4.02 -3.85
N TRP A 15 -0.82 -4.90 -3.61
CA TRP A 15 -1.18 -6.33 -3.36
C TRP A 15 -1.70 -6.47 -1.92
N GLY A 1 1.95 1.29 0.05
CA GLY A 1 2.83 1.89 -1.04
C GLY A 1 2.33 1.90 -2.45
N GLY A 2 1.12 1.48 -2.65
CA GLY A 2 0.56 1.46 -4.02
C GLY A 2 -0.97 1.42 -3.95
N TRP A 3 -1.54 2.01 -2.94
CA TRP A 3 -3.02 2.02 -2.81
C TRP A 3 -3.58 0.61 -3.06
N GLY A 4 -3.48 -0.25 -2.08
CA GLY A 4 -4.01 -1.64 -2.25
C GLY A 4 -4.71 -2.07 -0.95
N THR A 5 -3.97 -2.54 0.02
CA THR A 5 -4.62 -2.98 1.29
C THR A 5 -3.62 -2.89 2.45
N VAL A 6 -2.71 -3.83 2.53
CA VAL A 6 -1.72 -3.83 3.66
C VAL A 6 -0.95 -2.49 3.68
N PRO A 7 -0.70 -1.93 4.85
CA PRO A 7 0.04 -0.63 4.96
C PRO A 7 1.42 -0.69 4.30
N ASP A 8 1.99 0.45 4.05
CA ASP A 8 3.33 0.48 3.40
C ASP A 8 3.95 1.85 3.59
N TRP A 9 4.95 2.18 2.82
CA TRP A 9 5.60 3.51 2.95
C TRP A 9 4.65 4.64 2.54
N PHE A 10 4.05 4.54 1.37
CA PHE A 10 3.13 5.64 0.92
C PHE A 10 1.77 5.49 1.62
N PHE A 11 1.03 4.45 1.34
CA PHE A 11 -0.29 4.25 2.01
C PHE A 11 -0.56 2.75 2.16
N ASN A 12 -0.80 2.08 1.06
CA ASN A 12 -1.08 0.62 1.15
C ASN A 12 -0.42 -0.09 -0.05
N MET A 13 0.28 -1.15 0.21
CA MET A 13 0.94 -1.88 -0.91
C MET A 13 -0.12 -2.30 -1.93
N ASN A 14 0.13 -2.07 -3.19
CA ASN A 14 -0.87 -2.45 -4.22
C ASN A 14 -1.31 -3.90 -4.00
N TRP A 15 -0.39 -4.76 -3.69
CA TRP A 15 -0.76 -6.19 -3.46
C TRP A 15 -1.36 -6.33 -2.06
N GLY A 1 1.79 1.44 0.23
CA GLY A 1 2.64 2.03 -0.90
C GLY A 1 2.10 1.98 -2.28
N GLY A 2 0.88 1.55 -2.44
CA GLY A 2 0.29 1.47 -3.80
C GLY A 2 -1.23 1.36 -3.71
N TRP A 3 -1.82 1.94 -2.70
CA TRP A 3 -3.31 1.87 -2.56
C TRP A 3 -3.78 0.41 -2.74
N GLY A 4 -3.64 -0.39 -1.72
CA GLY A 4 -4.09 -1.81 -1.83
C GLY A 4 -4.73 -2.24 -0.50
N THR A 5 -3.94 -2.64 0.47
CA THR A 5 -4.56 -3.08 1.76
C THR A 5 -3.58 -2.88 2.92
N VAL A 6 -2.55 -3.67 3.00
CA VAL A 6 -1.57 -3.53 4.13
C VAL A 6 -0.92 -2.16 4.08
N PRO A 7 -0.54 -1.60 5.21
CA PRO A 7 0.11 -0.26 5.29
C PRO A 7 1.52 -0.25 4.71
N ASP A 8 1.94 0.86 4.16
CA ASP A 8 3.31 0.93 3.57
C ASP A 8 3.87 2.34 3.75
N TRP A 9 4.75 2.74 2.87
CA TRP A 9 5.36 4.11 2.98
C TRP A 9 4.34 5.17 2.54
N PHE A 10 3.77 5.01 1.38
CA PHE A 10 2.79 6.03 0.89
C PHE A 10 1.47 5.83 1.63
N PHE A 11 0.78 4.76 1.38
CA PHE A 11 -0.50 4.51 2.08
C PHE A 11 -0.68 3.01 2.32
N ASN A 12 -0.99 2.27 1.28
CA ASN A 12 -1.17 0.81 1.44
C ASN A 12 -0.50 0.07 0.28
N MET A 13 0.29 -0.93 0.57
CA MET A 13 0.95 -1.68 -0.54
C MET A 13 -0.12 -2.13 -1.52
N ASN A 14 0.15 -2.10 -2.79
CA ASN A 14 -0.87 -2.53 -3.79
C ASN A 14 -1.22 -4.00 -3.51
N TRP A 15 -0.25 -4.79 -3.18
CA TRP A 15 -0.51 -6.22 -2.90
C TRP A 15 -1.12 -6.37 -1.50
N GLY A 1 2.03 1.32 0.09
CA GLY A 1 2.94 1.87 -1.01
C GLY A 1 2.47 1.80 -2.42
N GLY A 2 1.24 1.44 -2.62
CA GLY A 2 0.70 1.35 -4.00
C GLY A 2 -0.83 1.36 -3.95
N TRP A 3 -1.39 2.03 -2.97
CA TRP A 3 -2.88 2.09 -2.86
C TRP A 3 -3.46 0.69 -3.10
N GLY A 4 -3.45 -0.15 -2.11
CA GLY A 4 -4.01 -1.52 -2.28
C GLY A 4 -4.73 -1.95 -1.01
N THR A 5 -4.01 -2.40 -0.01
CA THR A 5 -4.68 -2.84 1.25
C THR A 5 -3.73 -2.71 2.45
N VAL A 6 -2.79 -3.60 2.56
CA VAL A 6 -1.85 -3.59 3.73
C VAL A 6 -1.09 -2.24 3.80
N PRO A 7 -0.93 -1.67 4.99
CA PRO A 7 -0.18 -0.37 5.17
C PRO A 7 1.26 -0.44 4.64
N ASP A 8 1.75 0.65 4.09
CA ASP A 8 3.15 0.65 3.56
C ASP A 8 3.80 2.02 3.76
N TRP A 9 4.81 2.31 2.97
CA TRP A 9 5.50 3.63 3.08
C TRP A 9 4.60 4.76 2.58
N PHE A 10 4.06 4.64 1.39
CA PHE A 10 3.17 5.71 0.88
C PHE A 10 1.82 5.61 1.59
N PHE A 11 1.07 4.58 1.29
CA PHE A 11 -0.24 4.38 1.96
C PHE A 11 -0.49 2.89 2.15
N ASN A 12 -0.88 2.21 1.11
CA ASN A 12 -1.12 0.74 1.23
C ASN A 12 -0.44 0.00 0.08
N MET A 13 0.19 -1.11 0.34
CA MET A 13 0.87 -1.86 -0.77
C MET A 13 -0.16 -2.24 -1.82
N ASN A 14 0.19 -2.09 -3.07
CA ASN A 14 -0.77 -2.45 -4.15
C ASN A 14 -1.28 -3.87 -3.93
N TRP A 15 -0.43 -4.76 -3.50
CA TRP A 15 -0.86 -6.15 -3.26
C TRP A 15 -1.51 -6.26 -1.88
N GLY A 1 2.04 1.31 -0.06
CA GLY A 1 2.90 1.86 -1.20
C GLY A 1 2.39 1.78 -2.60
N GLY A 2 1.13 1.48 -2.76
CA GLY A 2 0.56 1.38 -4.12
C GLY A 2 -0.97 1.35 -4.02
N TRP A 3 -1.50 1.93 -2.98
CA TRP A 3 -2.98 1.95 -2.81
C TRP A 3 -3.54 0.54 -2.99
N GLY A 4 -3.37 -0.31 -2.01
CA GLY A 4 -3.89 -1.70 -2.12
C GLY A 4 -4.56 -2.10 -0.80
N THR A 5 -3.81 -2.62 0.13
CA THR A 5 -4.42 -3.03 1.43
C THR A 5 -3.40 -2.94 2.56
N VAL A 6 -2.50 -3.88 2.65
CA VAL A 6 -1.48 -3.86 3.74
C VAL A 6 -0.78 -2.48 3.78
N PRO A 7 -0.62 -1.87 4.95
CA PRO A 7 0.08 -0.55 5.06
C PRO A 7 1.50 -0.57 4.49
N ASP A 8 1.94 0.53 3.94
CA ASP A 8 3.30 0.59 3.35
C ASP A 8 3.90 1.99 3.57
N TRP A 9 4.96 2.31 2.89
CA TRP A 9 5.59 3.65 3.05
C TRP A 9 4.62 4.75 2.60
N PHE A 10 4.05 4.62 1.43
CA PHE A 10 3.10 5.67 0.95
C PHE A 10 1.76 5.50 1.68
N PHE A 11 1.05 4.45 1.38
CA PHE A 11 -0.25 4.21 2.08
C PHE A 11 -0.44 2.71 2.24
N ASN A 12 -0.86 2.04 1.20
CA ASN A 12 -1.05 0.57 1.29
C ASN A 12 -0.35 -0.09 0.10
N MET A 13 0.45 -1.09 0.33
CA MET A 13 1.15 -1.76 -0.80
C MET A 13 0.09 -2.24 -1.80
N ASN A 14 0.41 -2.24 -3.07
CA ASN A 14 -0.59 -2.68 -4.07
C ASN A 14 -0.99 -4.14 -3.84
N TRP A 15 -0.04 -4.98 -3.51
CA TRP A 15 -0.38 -6.41 -3.26
C TRP A 15 -0.93 -6.57 -1.85
N GLY A 1 2.15 1.28 -0.21
CA GLY A 1 3.01 1.93 -1.28
C GLY A 1 2.53 1.96 -2.69
N GLY A 2 1.30 1.60 -2.91
CA GLY A 2 0.74 1.60 -4.29
C GLY A 2 -0.78 1.57 -4.22
N TRP A 3 -1.34 2.10 -3.16
CA TRP A 3 -2.82 2.11 -3.03
C TRP A 3 -3.39 0.72 -3.34
N GLY A 4 -3.29 -0.19 -2.41
CA GLY A 4 -3.83 -1.55 -2.65
C GLY A 4 -4.54 -2.06 -1.39
N THR A 5 -3.83 -2.64 -0.45
CA THR A 5 -4.51 -3.15 0.77
C THR A 5 -3.56 -3.15 1.99
N VAL A 6 -2.50 -3.91 1.94
CA VAL A 6 -1.57 -3.97 3.10
C VAL A 6 -0.81 -2.64 3.27
N PRO A 7 -0.66 -2.13 4.48
CA PRO A 7 0.09 -0.85 4.72
C PRO A 7 1.51 -0.88 4.16
N ASP A 8 2.00 0.25 3.71
CA ASP A 8 3.37 0.31 3.15
C ASP A 8 4.01 1.66 3.49
N TRP A 9 4.91 2.11 2.66
CA TRP A 9 5.58 3.42 2.92
C TRP A 9 4.63 4.56 2.55
N PHE A 10 4.10 4.55 1.36
CA PHE A 10 3.16 5.64 0.95
C PHE A 10 1.82 5.43 1.67
N PHE A 11 1.11 4.41 1.29
CA PHE A 11 -0.20 4.13 1.95
C PHE A 11 -0.39 2.62 2.02
N ASN A 12 -0.80 2.02 0.94
CA ASN A 12 -0.99 0.54 0.94
C ASN A 12 -0.30 -0.05 -0.29
N MET A 13 0.43 -1.12 -0.14
CA MET A 13 1.12 -1.73 -1.30
C MET A 13 0.07 -2.12 -2.33
N ASN A 14 0.38 -2.01 -3.60
CA ASN A 14 -0.62 -2.37 -4.64
C ASN A 14 -1.01 -3.84 -4.51
N TRP A 15 -0.06 -4.70 -4.29
CA TRP A 15 -0.40 -6.14 -4.16
C TRP A 15 -1.07 -6.37 -2.81
N GLY A 1 1.97 0.86 -0.29
CA GLY A 1 2.83 1.51 -1.38
C GLY A 1 2.32 1.54 -2.78
N GLY A 2 1.07 1.24 -2.96
CA GLY A 2 0.49 1.24 -4.34
C GLY A 2 -1.03 1.29 -4.23
N TRP A 3 -1.54 1.91 -3.20
CA TRP A 3 -3.02 2.00 -3.02
C TRP A 3 -3.66 0.63 -3.27
N GLY A 4 -3.68 -0.22 -2.28
CA GLY A 4 -4.29 -1.57 -2.45
C GLY A 4 -5.00 -1.98 -1.16
N THR A 5 -4.29 -2.55 -0.22
CA THR A 5 -4.95 -2.97 1.05
C THR A 5 -3.96 -2.94 2.22
N VAL A 6 -3.08 -3.90 2.29
CA VAL A 6 -2.09 -3.94 3.43
C VAL A 6 -1.29 -2.63 3.42
N PRO A 7 -0.87 -2.17 4.58
CA PRO A 7 -0.08 -0.90 4.73
C PRO A 7 1.33 -1.00 4.15
N ASP A 8 1.87 0.10 3.70
CA ASP A 8 3.24 0.08 3.10
C ASP A 8 3.93 1.43 3.30
N TRP A 9 4.96 1.69 2.53
CA TRP A 9 5.68 2.98 2.64
C TRP A 9 4.80 4.17 2.23
N PHE A 10 4.17 4.10 1.09
CA PHE A 10 3.31 5.24 0.66
C PHE A 10 1.97 5.17 1.38
N PHE A 11 1.18 4.18 1.08
CA PHE A 11 -0.14 4.04 1.76
C PHE A 11 -0.46 2.56 1.92
N ASN A 12 -0.88 1.93 0.86
CA ASN A 12 -1.19 0.48 0.93
C ASN A 12 -0.58 -0.22 -0.28
N MET A 13 0.04 -1.36 -0.07
CA MET A 13 0.65 -2.07 -1.22
C MET A 13 -0.44 -2.45 -2.22
N ASN A 14 -0.16 -2.29 -3.49
CA ASN A 14 -1.19 -2.62 -4.52
C ASN A 14 -1.70 -4.05 -4.30
N TRP A 15 -0.82 -4.96 -4.00
CA TRP A 15 -1.27 -6.36 -3.77
C TRP A 15 -1.80 -6.50 -2.34
N GLY A 1 2.00 1.22 -0.13
CA GLY A 1 2.73 1.85 -1.31
C GLY A 1 2.14 1.77 -2.68
N GLY A 2 0.87 1.48 -2.76
CA GLY A 2 0.21 1.39 -4.10
C GLY A 2 -1.30 1.35 -3.91
N TRP A 3 -1.80 2.02 -2.91
CA TRP A 3 -3.27 2.02 -2.66
C TRP A 3 -3.83 0.62 -2.89
N GLY A 4 -3.85 -0.19 -1.86
CA GLY A 4 -4.38 -1.57 -2.02
C GLY A 4 -4.97 -2.05 -0.68
N THR A 5 -4.15 -2.56 0.20
CA THR A 5 -4.70 -3.05 1.50
C THR A 5 -3.67 -2.94 2.63
N VAL A 6 -2.72 -3.85 2.69
CA VAL A 6 -1.70 -3.80 3.78
C VAL A 6 -0.99 -2.43 3.75
N PRO A 7 -0.61 -1.91 4.89
CA PRO A 7 0.10 -0.59 4.99
C PRO A 7 1.50 -0.65 4.39
N ASP A 8 1.97 0.45 3.86
CA ASP A 8 3.33 0.44 3.26
C ASP A 8 4.01 1.80 3.48
N TRP A 9 4.90 2.17 2.58
CA TRP A 9 5.60 3.47 2.72
C TRP A 9 4.67 4.62 2.33
N PHE A 10 4.07 4.54 1.17
CA PHE A 10 3.15 5.62 0.72
C PHE A 10 1.83 5.52 1.52
N PHE A 11 1.06 4.50 1.26
CA PHE A 11 -0.21 4.31 2.01
C PHE A 11 -0.45 2.81 2.20
N ASN A 12 -0.90 2.14 1.18
CA ASN A 12 -1.14 0.68 1.30
C ASN A 12 -0.55 -0.04 0.08
N MET A 13 0.08 -1.17 0.28
CA MET A 13 0.67 -1.91 -0.89
C MET A 13 -0.45 -2.31 -1.84
N ASN A 14 -0.18 -2.31 -3.11
CA ASN A 14 -1.23 -2.69 -4.10
C ASN A 14 -1.68 -4.13 -3.86
N TRP A 15 -0.76 -5.01 -3.58
CA TRP A 15 -1.14 -6.43 -3.33
C TRP A 15 -1.68 -6.58 -1.91
N GLY A 1 1.80 1.15 -0.45
CA GLY A 1 2.63 1.68 -1.61
C GLY A 1 2.02 1.76 -2.97
N GLY A 2 0.74 1.53 -3.05
CA GLY A 2 0.05 1.59 -4.38
C GLY A 2 -1.46 1.63 -4.16
N TRP A 3 -1.87 2.15 -3.04
CA TRP A 3 -3.34 2.23 -2.75
C TRP A 3 -3.98 0.87 -3.03
N GLY A 4 -3.81 -0.07 -2.15
CA GLY A 4 -4.41 -1.42 -2.35
C GLY A 4 -5.01 -1.92 -1.04
N THR A 5 -4.22 -2.52 -0.18
CA THR A 5 -4.78 -3.03 1.11
C THR A 5 -3.70 -3.05 2.20
N VAL A 6 -2.80 -3.99 2.15
CA VAL A 6 -1.74 -4.09 3.19
C VAL A 6 -0.95 -2.78 3.30
N PRO A 7 -0.62 -2.32 4.51
CA PRO A 7 0.16 -1.05 4.70
C PRO A 7 1.52 -1.07 3.99
N ASP A 8 1.97 0.06 3.51
CA ASP A 8 3.28 0.12 2.80
C ASP A 8 3.96 1.47 3.07
N TRP A 9 4.99 1.77 2.32
CA TRP A 9 5.70 3.06 2.51
C TRP A 9 4.76 4.24 2.22
N PHE A 10 4.08 4.23 1.10
CA PHE A 10 3.15 5.34 0.79
C PHE A 10 1.87 5.17 1.62
N PHE A 11 1.07 4.21 1.27
CA PHE A 11 -0.18 3.96 2.03
C PHE A 11 -0.44 2.46 2.08
N ASN A 12 -0.79 1.87 0.96
CA ASN A 12 -1.04 0.40 0.95
C ASN A 12 -0.52 -0.19 -0.36
N MET A 13 0.19 -1.30 -0.31
CA MET A 13 0.70 -1.91 -1.56
C MET A 13 -0.48 -2.19 -2.48
N ASN A 14 -0.29 -2.06 -3.76
CA ASN A 14 -1.42 -2.31 -4.72
C ASN A 14 -1.90 -3.75 -4.56
N TRP A 15 -1.00 -4.66 -4.34
CA TRP A 15 -1.40 -6.08 -4.18
C TRP A 15 -1.87 -6.33 -2.75
N GLY A 1 2.00 0.98 -0.27
CA GLY A 1 2.84 1.39 -1.46
C GLY A 1 2.24 1.33 -2.84
N GLY A 2 0.99 0.99 -2.93
CA GLY A 2 0.34 0.91 -4.27
C GLY A 2 -1.18 0.98 -4.12
N TRP A 3 -1.65 1.67 -3.11
CA TRP A 3 -3.12 1.78 -2.91
C TRP A 3 -3.77 0.40 -3.07
N GLY A 4 -3.76 -0.40 -2.03
CA GLY A 4 -4.38 -1.74 -2.13
C GLY A 4 -5.01 -2.12 -0.80
N THR A 5 -4.21 -2.57 0.15
CA THR A 5 -4.79 -2.96 1.46
C THR A 5 -3.73 -2.85 2.57
N VAL A 6 -2.91 -3.86 2.70
CA VAL A 6 -1.86 -3.86 3.76
C VAL A 6 -1.06 -2.54 3.72
N PRO A 7 -0.77 -1.94 4.87
CA PRO A 7 0.04 -0.68 4.95
C PRO A 7 1.40 -0.80 4.23
N ASP A 8 1.97 0.30 3.83
CA ASP A 8 3.28 0.25 3.13
C ASP A 8 3.99 1.60 3.19
N TRP A 9 5.03 1.76 2.41
CA TRP A 9 5.78 3.05 2.40
C TRP A 9 4.89 4.21 1.95
N PHE A 10 4.19 4.07 0.85
CA PHE A 10 3.33 5.20 0.38
C PHE A 10 2.00 5.17 1.15
N PHE A 11 1.21 4.14 0.97
CA PHE A 11 -0.08 4.03 1.70
C PHE A 11 -0.39 2.56 1.95
N ASN A 12 -0.79 1.86 0.94
CA ASN A 12 -1.10 0.41 1.11
C ASN A 12 -0.53 -0.36 -0.08
N MET A 13 0.14 -1.46 0.17
CA MET A 13 0.70 -2.24 -0.99
C MET A 13 -0.45 -2.57 -1.94
N ASN A 14 -0.19 -2.62 -3.21
CA ASN A 14 -1.27 -2.94 -4.17
C ASN A 14 -1.80 -4.36 -3.89
N TRP A 15 -0.92 -5.28 -3.59
CA TRP A 15 -1.39 -6.67 -3.31
C TRP A 15 -1.92 -6.74 -1.87
N GLY A 1 2.09 1.10 -0.39
CA GLY A 1 3.05 1.69 -1.41
C GLY A 1 2.60 1.76 -2.83
N GLY A 2 1.37 1.43 -3.05
CA GLY A 2 0.81 1.47 -4.42
C GLY A 2 -0.72 1.59 -4.32
N TRP A 3 -1.18 2.27 -3.30
CA TRP A 3 -2.65 2.43 -3.11
C TRP A 3 -3.33 1.09 -3.38
N GLY A 4 -3.37 0.24 -2.38
CA GLY A 4 -4.02 -1.08 -2.56
C GLY A 4 -4.72 -1.50 -1.26
N THR A 5 -3.99 -2.07 -0.33
CA THR A 5 -4.65 -2.49 0.94
C THR A 5 -3.63 -2.52 2.08
N VAL A 6 -2.75 -3.49 2.08
CA VAL A 6 -1.76 -3.61 3.18
C VAL A 6 -0.88 -2.34 3.26
N PRO A 7 -0.59 -1.85 4.46
CA PRO A 7 0.28 -0.63 4.65
C PRO A 7 1.67 -0.77 3.99
N ASP A 8 2.23 0.33 3.54
CA ASP A 8 3.56 0.29 2.89
C ASP A 8 4.29 1.63 3.07
N TRP A 9 5.35 1.84 2.33
CA TRP A 9 6.11 3.11 2.45
C TRP A 9 5.25 4.32 2.05
N PHE A 10 4.58 4.28 0.92
CA PHE A 10 3.76 5.45 0.53
C PHE A 10 2.44 5.41 1.28
N PHE A 11 1.65 4.41 1.01
CA PHE A 11 0.33 4.30 1.68
C PHE A 11 -0.03 2.82 1.82
N ASN A 12 -0.53 2.21 0.79
CA ASN A 12 -0.87 0.76 0.86
C ASN A 12 -0.29 0.05 -0.36
N MET A 13 0.33 -1.08 -0.17
CA MET A 13 0.91 -1.81 -1.32
C MET A 13 -0.19 -2.11 -2.34
N ASN A 14 0.08 -1.92 -3.60
CA ASN A 14 -0.97 -2.19 -4.63
C ASN A 14 -1.53 -3.59 -4.42
N TRP A 15 -0.68 -4.55 -4.19
CA TRP A 15 -1.17 -5.93 -4.00
C TRP A 15 -1.74 -6.07 -2.58
N GLY A 1 1.96 1.11 -0.34
CA GLY A 1 2.83 1.57 -1.50
C GLY A 1 2.26 1.60 -2.88
N GLY A 2 0.97 1.42 -3.00
CA GLY A 2 0.34 1.44 -4.36
C GLY A 2 -1.18 1.45 -4.20
N TRP A 3 -1.67 2.07 -3.15
CA TRP A 3 -3.14 2.12 -2.92
C TRP A 3 -3.76 0.75 -3.20
N GLY A 4 -3.76 -0.11 -2.23
CA GLY A 4 -4.35 -1.47 -2.41
C GLY A 4 -5.00 -1.93 -1.11
N THR A 5 -4.25 -2.50 -0.20
CA THR A 5 -4.87 -2.97 1.08
C THR A 5 -3.84 -2.97 2.22
N VAL A 6 -2.95 -3.93 2.24
CA VAL A 6 -1.95 -4.04 3.34
C VAL A 6 -1.12 -2.74 3.44
N PRO A 7 -0.85 -2.24 4.65
CA PRO A 7 -0.04 -0.98 4.84
C PRO A 7 1.33 -1.06 4.18
N ASP A 8 1.82 0.05 3.69
CA ASP A 8 3.15 0.06 3.02
C ASP A 8 3.86 1.41 3.25
N TRP A 9 4.91 1.65 2.53
CA TRP A 9 5.67 2.93 2.67
C TRP A 9 4.77 4.13 2.31
N PHE A 10 4.12 4.09 1.18
CA PHE A 10 3.25 5.23 0.79
C PHE A 10 1.93 5.13 1.56
N PHE A 11 1.13 4.14 1.28
CA PHE A 11 -0.15 3.95 2.00
C PHE A 11 -0.45 2.46 2.09
N ASN A 12 -0.75 1.84 0.99
CA ASN A 12 -1.04 0.38 1.02
C ASN A 12 -0.46 -0.27 -0.24
N MET A 13 0.17 -1.41 -0.13
CA MET A 13 0.73 -2.07 -1.35
C MET A 13 -0.41 -2.34 -2.33
N ASN A 14 -0.14 -2.27 -3.60
CA ASN A 14 -1.21 -2.53 -4.60
C ASN A 14 -1.74 -3.96 -4.41
N TRP A 15 -0.87 -4.90 -4.19
CA TRP A 15 -1.33 -6.30 -4.00
C TRP A 15 -1.85 -6.49 -2.58
N GLY A 1 2.25 1.28 -0.13
CA GLY A 1 3.17 1.85 -1.20
C GLY A 1 2.71 1.90 -2.61
N GLY A 2 1.47 1.60 -2.83
CA GLY A 2 0.91 1.62 -4.21
C GLY A 2 -0.61 1.71 -4.12
N TRP A 3 -1.10 2.31 -3.07
CA TRP A 3 -2.57 2.43 -2.89
C TRP A 3 -3.25 1.08 -3.16
N GLY A 4 -3.24 0.21 -2.18
CA GLY A 4 -3.88 -1.12 -2.38
C GLY A 4 -4.56 -1.56 -1.08
N THR A 5 -3.82 -2.16 -0.17
CA THR A 5 -4.45 -2.60 1.11
C THR A 5 -3.44 -2.62 2.24
N VAL A 6 -2.52 -3.55 2.22
CA VAL A 6 -1.51 -3.62 3.33
C VAL A 6 -0.75 -2.29 3.41
N PRO A 7 -0.43 -1.83 4.60
CA PRO A 7 0.31 -0.55 4.81
C PRO A 7 1.73 -0.59 4.24
N ASP A 8 2.25 0.53 3.81
CA ASP A 8 3.62 0.54 3.23
C ASP A 8 4.30 1.89 3.44
N TRP A 9 5.34 2.16 2.68
CA TRP A 9 6.07 3.46 2.81
C TRP A 9 5.19 4.63 2.40
N PHE A 10 4.54 4.57 1.27
CA PHE A 10 3.69 5.71 0.84
C PHE A 10 2.34 5.61 1.56
N PHE A 11 1.59 4.61 1.25
CA PHE A 11 0.27 4.44 1.90
C PHE A 11 -0.03 2.94 2.01
N ASN A 12 -0.48 2.33 0.95
CA ASN A 12 -0.77 0.86 1.01
C ASN A 12 -0.17 0.17 -0.22
N MET A 13 0.50 -0.94 -0.01
CA MET A 13 1.10 -1.66 -1.17
C MET A 13 0.01 -1.97 -2.18
N ASN A 14 0.32 -1.89 -3.45
CA ASN A 14 -0.72 -2.18 -4.48
C ASN A 14 -1.23 -3.60 -4.31
N TRP A 15 -0.35 -4.53 -4.04
CA TRP A 15 -0.79 -5.93 -3.87
C TRP A 15 -1.38 -6.10 -2.46
N GLY A 1 2.26 1.23 -0.28
CA GLY A 1 3.17 1.86 -1.33
C GLY A 1 2.72 1.90 -2.74
N GLY A 2 1.50 1.52 -2.98
CA GLY A 2 0.94 1.53 -4.36
C GLY A 2 -0.58 1.62 -4.29
N TRP A 3 -1.09 2.28 -3.29
CA TRP A 3 -2.57 2.42 -3.15
C TRP A 3 -3.23 1.05 -3.41
N GLY A 4 -3.25 0.19 -2.42
CA GLY A 4 -3.87 -1.15 -2.60
C GLY A 4 -4.59 -1.56 -1.31
N THR A 5 -3.87 -2.11 -0.34
CA THR A 5 -4.54 -2.54 0.91
C THR A 5 -3.57 -2.56 2.11
N VAL A 6 -2.64 -3.47 2.11
CA VAL A 6 -1.69 -3.54 3.26
C VAL A 6 -0.82 -2.27 3.34
N PRO A 7 -0.58 -1.73 4.53
CA PRO A 7 0.28 -0.52 4.70
C PRO A 7 1.65 -0.64 4.01
N ASP A 8 2.29 0.46 3.77
CA ASP A 8 3.61 0.42 3.08
C ASP A 8 4.31 1.78 3.22
N TRP A 9 5.36 1.99 2.49
CA TRP A 9 6.09 3.29 2.58
C TRP A 9 5.22 4.48 2.15
N PHE A 10 4.57 4.43 1.01
CA PHE A 10 3.73 5.59 0.58
C PHE A 10 2.40 5.54 1.32
N PHE A 11 1.63 4.54 1.04
CA PHE A 11 0.31 4.40 1.69
C PHE A 11 -0.02 2.91 1.82
N ASN A 12 -0.43 2.28 0.75
CA ASN A 12 -0.75 0.82 0.81
C ASN A 12 -0.14 0.12 -0.40
N MET A 13 0.54 -0.98 -0.21
CA MET A 13 1.13 -1.69 -1.37
C MET A 13 0.03 -1.98 -2.37
N ASN A 14 0.31 -1.93 -3.64
CA ASN A 14 -0.75 -2.20 -4.65
C ASN A 14 -1.29 -3.61 -4.43
N TRP A 15 -0.43 -4.54 -4.17
CA TRP A 15 -0.90 -5.93 -3.94
C TRP A 15 -1.49 -6.03 -2.54
#